data_5I4H
#
_entry.id   5I4H
#
_cell.length_a   39.974
_cell.length_b   67.369
_cell.length_c   77.396
_cell.angle_alpha   90.000
_cell.angle_beta   90.000
_cell.angle_gamma   90.000
#
_symmetry.space_group_name_H-M   'P 21 21 21'
#
loop_
_entity.id
_entity.type
_entity.pdbx_description
1 polymer 'Cathepsin L1'
2 polymer 'Cathepsin L1'
3 non-polymer 'SULFATE ION'
4 non-polymer GLYCEROL
5 water water
#
loop_
_entity_poly.entity_id
_entity_poly.type
_entity_poly.pdbx_seq_one_letter_code
_entity_poly.pdbx_strand_id
1 'polypeptide(L)'
;EAPRSVDWREKGYVTPVKNQGQCGSSWAFSATGALEGQMFRKTGRLISLSEQNLVDCSGPQGNEGCNGGLMDYAFQYVQD
NGGLDSEESYPYEATEESCKYNPKYS
;
A
2 'polypeptide(L)'
;DAGFVDIPKQEKALMKAVATVGPISVAIDAGHESFLFYKEGIYFEPDCSSEDMDHGVLVVGYGFESTESDNNKYWLVKNS
WGEEWGMGGYVKMAKDRRNHCGIASAASYPTV
;
B
#
# COMPACT_ATOMS: atom_id res chain seq x y z
N GLU A 1 9.59 20.44 -12.61
CA GLU A 1 8.55 19.56 -13.08
C GLU A 1 8.84 18.26 -12.36
N ALA A 2 7.97 17.36 -12.06
CA ALA A 2 8.32 16.07 -11.49
C ALA A 2 9.36 15.31 -12.35
N PRO A 3 10.25 14.53 -11.75
CA PRO A 3 11.23 13.81 -12.56
C PRO A 3 10.49 12.84 -13.49
N ARG A 4 11.17 12.33 -14.51
CA ARG A 4 10.55 11.39 -15.44
C ARG A 4 10.46 9.98 -14.85
N SER A 5 11.30 9.69 -13.87
CA SER A 5 11.30 8.37 -13.21
C SER A 5 11.65 8.56 -11.77
N VAL A 6 10.94 7.80 -10.88
CA VAL A 6 11.16 7.79 -9.43
C VAL A 6 11.08 6.35 -8.98
N ASP A 7 11.99 5.93 -8.10
CA ASP A 7 11.96 4.57 -7.56
C ASP A 7 12.53 4.66 -6.15
N TRP A 8 11.59 4.76 -5.16
CA TRP A 8 11.98 4.90 -3.75
C TRP A 8 12.67 3.69 -3.18
N ARG A 9 12.61 2.54 -3.85
CA ARG A 9 13.32 1.37 -3.34
C ARG A 9 14.85 1.63 -3.36
N GLU A 10 15.28 2.41 -4.38
CA GLU A 10 16.69 2.74 -4.55
C GLU A 10 17.16 3.64 -3.44
N LYS A 11 16.26 4.33 -2.73
CA LYS A 11 16.64 5.28 -1.68
C LYS A 11 16.49 4.71 -0.27
N GLY A 12 16.05 3.44 -0.17
CA GLY A 12 15.99 2.81 1.12
C GLY A 12 14.65 2.91 1.88
N TYR A 13 13.59 3.34 1.17
CA TYR A 13 12.30 3.56 1.78
C TYR A 13 11.38 2.32 1.85
N VAL A 14 11.78 1.21 1.26
CA VAL A 14 10.82 0.11 1.07
C VAL A 14 11.36 -1.19 1.60
N THR A 15 10.53 -1.87 2.39
CA THR A 15 10.90 -3.16 2.93
C THR A 15 10.64 -4.30 1.90
N PRO A 16 11.15 -5.54 2.15
CA PRO A 16 10.90 -6.63 1.20
C PRO A 16 9.37 -6.87 1.04
N VAL A 17 9.00 -7.60 -0.03
CA VAL A 17 7.60 -7.96 -0.29
C VAL A 17 7.12 -8.94 0.74
N LYS A 18 5.88 -8.72 1.19
CA LYS A 18 5.23 -9.58 2.18
C LYS A 18 4.08 -10.33 1.50
N ASN A 19 3.50 -11.27 2.26
CA ASN A 19 2.38 -12.10 1.73
C ASN A 19 1.23 -12.05 2.76
N GLN A 20 0.09 -11.49 2.40
CA GLN A 20 -1.06 -11.35 3.32
C GLN A 20 -1.70 -12.77 3.52
N GLY A 21 -1.35 -13.77 2.71
CA GLY A 21 -1.96 -15.08 3.00
C GLY A 21 -3.48 -15.07 2.81
N GLN A 22 -4.09 -16.01 3.57
CA GLN A 22 -5.56 -16.20 3.46
C GLN A 22 -6.27 -15.26 4.39
N CYS A 23 -6.24 -13.98 4.07
CA CYS A 23 -6.82 -12.94 4.93
C CYS A 23 -7.01 -11.71 4.04
N GLY A 24 -8.17 -11.07 4.11
CA GLY A 24 -8.44 -9.85 3.32
C GLY A 24 -7.88 -8.62 3.99
N SER A 25 -6.55 -8.61 4.12
CA SER A 25 -5.86 -7.52 4.85
C SER A 25 -4.97 -6.67 3.94
N SER A 26 -5.22 -6.62 2.62
CA SER A 26 -4.29 -5.79 1.80
C SER A 26 -4.26 -4.34 2.28
N TRP A 27 -5.39 -3.85 2.83
CA TRP A 27 -5.40 -2.49 3.39
C TRP A 27 -4.33 -2.30 4.44
N ALA A 28 -4.08 -3.34 5.25
CA ALA A 28 -3.07 -3.22 6.30
C ALA A 28 -1.66 -3.25 5.71
N PHE A 29 -1.40 -4.11 4.68
CA PHE A 29 -0.04 -4.13 4.04
C PHE A 29 0.20 -2.81 3.30
N SER A 30 -0.81 -2.25 2.63
CA SER A 30 -0.63 -0.98 1.94
C SER A 30 -0.29 0.10 2.96
N ALA A 31 -1.04 0.11 4.12
CA ALA A 31 -0.79 1.13 5.11
C ALA A 31 0.55 0.95 5.78
N THR A 32 0.98 -0.26 6.14
CA THR A 32 2.32 -0.38 6.76
C THR A 32 3.38 0.00 5.74
N GLY A 33 3.20 -0.30 4.45
CA GLY A 33 4.24 0.09 3.50
C GLY A 33 4.36 1.60 3.43
N ALA A 34 3.24 2.32 3.41
CA ALA A 34 3.35 3.80 3.35
C ALA A 34 3.94 4.31 4.67
N LEU A 35 3.57 3.73 5.83
CA LEU A 35 4.16 4.20 7.09
C LEU A 35 5.63 3.87 7.18
N GLU A 36 6.05 2.70 6.71
CA GLU A 36 7.49 2.35 6.75
C GLU A 36 8.25 3.42 5.92
N GLY A 37 7.71 3.83 4.79
CA GLY A 37 8.36 4.85 3.96
C GLY A 37 8.39 6.18 4.69
N GLN A 38 7.31 6.62 5.33
CA GLN A 38 7.34 7.96 5.96
C GLN A 38 8.20 7.91 7.23
N MET A 39 8.28 6.76 7.94
CA MET A 39 9.18 6.75 9.09
C MET A 39 10.63 6.71 8.62
N PHE A 40 10.94 6.13 7.48
CA PHE A 40 12.30 6.18 6.96
C PHE A 40 12.56 7.64 6.54
N ARG A 41 11.57 8.31 5.91
CA ARG A 41 11.77 9.72 5.51
C ARG A 41 12.10 10.55 6.77
N LYS A 42 11.39 10.34 7.88
CA LYS A 42 11.63 11.11 9.09
C LYS A 42 12.89 10.78 9.83
N THR A 43 13.27 9.51 9.92
CA THR A 43 14.37 9.10 10.81
C THR A 43 15.53 8.44 10.17
N GLY A 44 15.43 8.08 8.90
CA GLY A 44 16.50 7.32 8.26
C GLY A 44 16.60 5.86 8.67
N ARG A 45 15.56 5.36 9.44
CA ARG A 45 15.51 3.98 9.88
CA ARG A 45 15.61 3.93 9.79
C ARG A 45 14.35 3.25 9.15
N LEU A 46 14.64 2.15 8.52
CA LEU A 46 13.63 1.35 7.80
C LEU A 46 13.34 0.14 8.65
N ILE A 47 12.09 0.07 9.19
CA ILE A 47 11.77 -1.09 10.05
C ILE A 47 10.43 -1.65 9.56
N SER A 48 10.37 -2.94 9.35
CA SER A 48 9.14 -3.63 8.97
CA SER A 48 9.07 -3.53 8.88
C SER A 48 8.12 -3.51 10.09
N LEU A 49 6.95 -2.93 9.77
CA LEU A 49 5.89 -2.71 10.79
C LEU A 49 4.80 -3.78 10.69
N SER A 50 4.03 -3.82 11.77
CA SER A 50 3.06 -4.89 12.01
C SER A 50 1.68 -4.72 11.40
N GLU A 51 1.39 -5.50 10.35
CA GLU A 51 0.04 -5.53 9.82
C GLU A 51 -0.88 -6.21 10.86
N GLN A 52 -0.35 -7.16 11.64
CA GLN A 52 -1.24 -7.84 12.63
C GLN A 52 -1.74 -6.84 13.66
N ASN A 53 -0.91 -5.87 14.07
CA ASN A 53 -1.38 -4.86 15.04
C ASN A 53 -2.55 -4.11 14.41
N LEU A 54 -2.49 -3.84 13.09
CA LEU A 54 -3.66 -3.17 12.48
C LEU A 54 -4.84 -4.12 12.36
N VAL A 55 -4.65 -5.35 11.93
CA VAL A 55 -5.78 -6.29 11.78
C VAL A 55 -6.49 -6.49 13.11
N ASP A 56 -5.75 -6.65 14.18
CA ASP A 56 -6.40 -6.95 15.49
C ASP A 56 -6.95 -5.72 16.21
N CYS A 57 -6.37 -4.54 16.00
CA CYS A 57 -6.67 -3.42 16.91
C CYS A 57 -7.39 -2.26 16.29
N SER A 58 -7.55 -2.20 14.93
CA SER A 58 -8.12 -0.98 14.38
C SER A 58 -9.63 -1.09 14.03
N GLY A 59 -10.32 -1.99 14.75
CA GLY A 59 -11.77 -2.13 14.55
C GLY A 59 -12.47 -0.83 14.97
N PRO A 60 -12.04 -0.14 16.06
CA PRO A 60 -12.73 1.14 16.45
C PRO A 60 -12.72 2.18 15.40
N GLN A 61 -11.62 2.16 14.56
CA GLN A 61 -11.45 3.15 13.51
C GLN A 61 -12.22 2.75 12.23
N GLY A 62 -12.84 1.57 12.19
CA GLY A 62 -13.65 1.19 11.04
C GLY A 62 -13.19 -0.07 10.31
N ASN A 63 -12.02 -0.61 10.64
CA ASN A 63 -11.61 -1.78 9.87
C ASN A 63 -12.27 -3.04 10.31
N GLU A 64 -12.25 -4.04 9.44
CA GLU A 64 -12.89 -5.31 9.69
CA GLU A 64 -12.92 -5.33 9.73
C GLU A 64 -11.95 -6.50 9.58
N GLY A 65 -10.68 -6.36 10.06
CA GLY A 65 -9.76 -7.50 10.13
C GLY A 65 -9.54 -8.17 8.80
N CYS A 66 -9.75 -9.49 8.74
CA CYS A 66 -9.56 -10.21 7.49
C CYS A 66 -10.75 -10.01 6.54
N ASN A 67 -11.76 -9.28 6.96
CA ASN A 67 -12.92 -9.03 6.08
C ASN A 67 -12.83 -7.72 5.42
N GLY A 68 -11.68 -7.06 5.42
CA GLY A 68 -11.53 -5.81 4.65
C GLY A 68 -11.31 -4.60 5.53
N GLY A 69 -10.86 -3.53 4.93
CA GLY A 69 -10.52 -2.32 5.66
C GLY A 69 -10.08 -1.24 4.70
N LEU A 70 -9.67 -0.13 5.23
CA LEU A 70 -9.23 0.99 4.42
C LEU A 70 -7.89 1.50 4.99
N MET A 71 -6.95 1.92 4.11
CA MET A 71 -5.72 2.44 4.61
C MET A 71 -5.95 3.68 5.48
N ASP A 72 -6.91 4.56 5.10
CA ASP A 72 -7.08 5.75 5.94
C ASP A 72 -7.53 5.39 7.36
N TYR A 73 -8.33 4.33 7.52
CA TYR A 73 -8.75 3.93 8.87
C TYR A 73 -7.49 3.41 9.62
N ALA A 74 -6.58 2.72 8.94
CA ALA A 74 -5.35 2.24 9.60
C ALA A 74 -4.52 3.47 9.97
N PHE A 75 -4.44 4.51 9.12
CA PHE A 75 -3.64 5.67 9.49
C PHE A 75 -4.25 6.41 10.68
N GLN A 76 -5.61 6.44 10.78
CA GLN A 76 -6.22 7.06 11.95
C GLN A 76 -5.82 6.24 13.20
N TYR A 77 -5.80 4.92 13.09
CA TYR A 77 -5.43 4.09 14.27
C TYR A 77 -3.96 4.43 14.67
N VAL A 78 -3.06 4.56 13.70
CA VAL A 78 -1.69 4.86 14.05
C VAL A 78 -1.62 6.18 14.80
N GLN A 79 -2.36 7.17 14.35
CA GLN A 79 -2.27 8.43 15.07
CA GLN A 79 -2.38 8.48 15.03
C GLN A 79 -2.91 8.29 16.43
N ASP A 80 -4.02 7.59 16.57
CA ASP A 80 -4.66 7.41 17.88
C ASP A 80 -3.76 6.63 18.83
N ASN A 81 -3.06 5.68 18.32
CA ASN A 81 -2.21 4.77 19.11
C ASN A 81 -0.79 5.36 19.35
N GLY A 82 -0.38 6.39 18.63
CA GLY A 82 0.98 6.92 18.84
C GLY A 82 2.04 6.12 18.11
N GLY A 83 1.67 5.34 17.10
CA GLY A 83 2.67 4.54 16.36
C GLY A 83 2.11 3.17 16.08
N LEU A 84 2.97 2.26 15.71
CA LEU A 84 2.57 0.89 15.38
C LEU A 84 3.77 -0.03 15.78
N ASP A 85 3.49 -1.23 16.24
CA ASP A 85 4.55 -2.14 16.62
C ASP A 85 5.31 -2.64 15.39
N SER A 86 6.53 -3.18 15.59
CA SER A 86 7.24 -3.79 14.50
C SER A 86 6.67 -5.16 14.16
N GLU A 87 6.93 -5.65 12.95
CA GLU A 87 6.58 -6.98 12.56
CA GLU A 87 6.47 -6.99 12.58
C GLU A 87 7.24 -8.00 13.48
N GLU A 88 8.48 -7.78 13.81
CA GLU A 88 9.18 -8.74 14.67
CA GLU A 88 9.15 -8.76 14.66
C GLU A 88 8.52 -8.81 16.04
N SER A 89 8.01 -7.71 16.61
CA SER A 89 7.41 -7.85 17.92
CA SER A 89 7.40 -7.73 17.90
C SER A 89 5.97 -8.27 17.90
N TYR A 90 5.26 -8.08 16.75
CA TYR A 90 3.80 -8.36 16.72
C TYR A 90 3.65 -9.00 15.33
N PRO A 91 4.12 -10.24 15.17
CA PRO A 91 4.08 -10.93 13.88
C PRO A 91 2.71 -11.31 13.34
N TYR A 92 2.77 -11.51 12.01
CA TYR A 92 1.54 -11.71 11.23
C TYR A 92 1.02 -13.12 11.33
N GLU A 93 -0.27 -13.24 11.52
CA GLU A 93 -0.95 -14.55 11.74
C GLU A 93 -1.98 -14.84 10.67
N ALA A 94 -2.27 -13.87 9.77
CA ALA A 94 -3.22 -14.10 8.68
C ALA A 94 -4.61 -14.51 9.22
N THR A 95 -4.97 -14.03 10.42
CA THR A 95 -6.31 -14.21 11.03
C THR A 95 -6.49 -13.15 12.06
N GLU A 96 -7.70 -12.70 12.28
CA GLU A 96 -7.91 -11.64 13.27
C GLU A 96 -7.89 -12.24 14.69
N GLU A 97 -7.08 -11.68 15.56
CA GLU A 97 -6.97 -12.16 16.97
C GLU A 97 -7.28 -11.00 17.88
N SER A 98 -7.25 -11.26 19.18
CA SER A 98 -7.53 -10.24 20.18
CA SER A 98 -7.65 -10.20 20.08
C SER A 98 -6.47 -9.14 20.19
N CYS A 99 -6.88 -7.93 20.38
CA CYS A 99 -5.95 -6.83 20.52
C CYS A 99 -5.35 -6.86 21.95
N LYS A 100 -4.05 -7.10 22.09
CA LYS A 100 -3.56 -7.13 23.48
C LYS A 100 -3.60 -5.75 24.07
N TYR A 101 -3.78 -4.69 23.27
CA TYR A 101 -3.85 -3.41 23.94
C TYR A 101 -5.24 -3.06 24.46
N ASN A 102 -6.23 -4.00 24.26
CA ASN A 102 -7.64 -3.87 24.76
CA ASN A 102 -7.45 -3.78 24.99
C ASN A 102 -7.72 -4.51 26.11
N PRO A 103 -8.04 -3.75 27.18
CA PRO A 103 -8.14 -4.34 28.54
C PRO A 103 -9.33 -5.32 28.61
N LYS A 104 -10.36 -5.05 27.79
CA LYS A 104 -11.52 -5.94 27.79
C LYS A 104 -12.24 -5.76 29.14
N TYR A 105 -12.95 -6.79 29.61
CA TYR A 105 -13.71 -6.65 30.85
C TYR A 105 -13.10 -7.41 32.00
N SER A 106 -13.11 -6.84 33.17
CA SER A 106 -12.55 -7.53 34.31
C SER A 106 -13.49 -7.46 35.48
N ASP B 1 -4.37 15.99 12.07
CA ASP B 1 -5.00 15.35 13.22
C ASP B 1 -5.88 14.16 12.83
N ALA B 2 -5.99 13.85 11.53
CA ALA B 2 -6.68 12.65 11.08
C ALA B 2 -5.56 11.58 10.95
N GLY B 3 -4.31 12.05 10.78
CA GLY B 3 -3.19 11.14 10.68
C GLY B 3 -2.81 10.83 9.25
N PHE B 4 -3.39 11.54 8.25
CA PHE B 4 -3.05 11.24 6.86
C PHE B 4 -3.46 12.37 5.93
N VAL B 5 -2.92 12.34 4.71
CA VAL B 5 -3.24 13.34 3.68
C VAL B 5 -3.88 12.58 2.50
N ASP B 6 -5.03 13.07 2.01
CA ASP B 6 -5.71 12.44 0.87
C ASP B 6 -5.22 13.17 -0.37
N ILE B 7 -4.90 12.46 -1.45
CA ILE B 7 -4.43 13.05 -2.71
CA ILE B 7 -4.40 13.05 -2.71
C ILE B 7 -5.63 13.13 -3.63
N PRO B 8 -5.79 14.26 -4.38
CA PRO B 8 -6.94 14.38 -5.30
C PRO B 8 -6.92 13.23 -6.28
N LYS B 9 -8.11 12.93 -6.83
CA LYS B 9 -8.24 11.81 -7.76
C LYS B 9 -7.73 12.16 -9.14
N GLN B 10 -6.44 12.23 -9.33
CA GLN B 10 -5.88 12.59 -10.63
C GLN B 10 -4.51 12.02 -10.73
N GLU B 11 -4.14 11.44 -11.86
CA GLU B 11 -2.80 10.84 -11.94
C GLU B 11 -1.65 11.81 -11.89
N LYS B 12 -1.84 13.07 -12.39
CA LYS B 12 -0.76 14.03 -12.26
C LYS B 12 -0.56 14.43 -10.80
N ALA B 13 -1.63 14.62 -10.02
CA ALA B 13 -1.50 14.91 -8.58
C ALA B 13 -0.79 13.70 -7.92
N LEU B 14 -1.16 12.48 -8.28
CA LEU B 14 -0.48 11.33 -7.66
C LEU B 14 0.96 11.31 -8.01
N MET B 15 1.31 11.63 -9.29
CA MET B 15 2.72 11.61 -9.68
C MET B 15 3.53 12.63 -8.83
N LYS B 16 2.97 13.85 -8.64
CA LYS B 16 3.67 14.85 -7.86
C LYS B 16 3.84 14.40 -6.44
N ALA B 17 2.83 13.73 -5.86
CA ALA B 17 2.93 13.26 -4.48
C ALA B 17 3.94 12.21 -4.36
N VAL B 18 3.95 11.20 -5.29
CA VAL B 18 4.99 10.16 -5.23
C VAL B 18 6.41 10.80 -5.28
N ALA B 19 6.58 11.80 -6.19
CA ALA B 19 7.90 12.43 -6.33
C ALA B 19 8.35 13.21 -5.10
N THR B 20 7.43 13.82 -4.39
CA THR B 20 7.77 14.68 -3.26
C THR B 20 7.63 14.04 -1.88
N VAL B 21 6.82 12.97 -1.75
CA VAL B 21 6.58 12.41 -0.40
C VAL B 21 7.24 11.09 -0.17
N GLY B 22 7.25 10.19 -1.15
CA GLY B 22 7.72 8.81 -0.91
C GLY B 22 6.60 7.86 -1.36
N PRO B 23 6.67 6.58 -0.95
CA PRO B 23 5.63 5.59 -1.36
C PRO B 23 4.24 6.05 -0.86
N ILE B 24 3.21 5.81 -1.72
CA ILE B 24 1.84 6.23 -1.43
C ILE B 24 0.90 5.03 -1.43
N SER B 25 -0.01 4.98 -0.45
CA SER B 25 -0.99 3.89 -0.50
C SER B 25 -2.06 4.19 -1.54
N VAL B 26 -2.50 3.17 -2.30
CA VAL B 26 -3.54 3.37 -3.28
C VAL B 26 -4.39 2.14 -3.32
N ALA B 27 -5.57 2.22 -3.91
CA ALA B 27 -6.39 1.03 -4.10
C ALA B 27 -6.62 0.85 -5.59
N ILE B 28 -6.69 -0.41 -6.03
CA ILE B 28 -6.96 -0.71 -7.42
C ILE B 28 -8.00 -1.77 -7.54
N ASP B 29 -8.58 -1.83 -8.76
CA ASP B 29 -9.47 -2.93 -9.17
C ASP B 29 -8.52 -4.10 -9.50
N ALA B 30 -8.48 -5.14 -8.66
CA ALA B 30 -7.61 -6.29 -8.87
C ALA B 30 -8.49 -7.49 -9.22
N GLY B 31 -9.73 -7.25 -9.60
CA GLY B 31 -10.63 -8.37 -9.86
C GLY B 31 -10.67 -8.93 -11.27
N HIS B 32 -9.54 -9.20 -11.86
CA HIS B 32 -9.45 -9.74 -13.23
C HIS B 32 -8.40 -10.84 -13.23
N GLU B 33 -8.63 -11.93 -14.01
CA GLU B 33 -7.66 -13.00 -14.01
CA GLU B 33 -7.64 -13.00 -14.09
C GLU B 33 -6.32 -12.49 -14.56
N SER B 34 -6.30 -11.46 -15.47
CA SER B 34 -5.05 -10.95 -15.98
C SER B 34 -4.15 -10.45 -14.80
N PHE B 35 -4.79 -9.93 -13.76
CA PHE B 35 -4.00 -9.47 -12.60
C PHE B 35 -3.67 -10.67 -11.69
N LEU B 36 -4.61 -11.58 -11.47
CA LEU B 36 -4.30 -12.73 -10.61
C LEU B 36 -3.09 -13.54 -11.13
N PHE B 37 -2.99 -13.68 -12.46
CA PHE B 37 -1.91 -14.43 -13.09
C PHE B 37 -0.80 -13.56 -13.64
N TYR B 38 -0.77 -12.27 -13.27
CA TYR B 38 0.25 -11.37 -13.78
C TYR B 38 1.67 -11.84 -13.52
N LYS B 39 2.53 -11.74 -14.54
CA LYS B 39 3.92 -12.15 -14.37
C LYS B 39 4.93 -11.03 -14.69
N GLU B 40 4.73 -10.26 -15.73
CA GLU B 40 5.72 -9.23 -16.11
C GLU B 40 5.19 -8.28 -17.13
N GLY B 41 5.91 -7.15 -17.30
CA GLY B 41 5.52 -6.11 -18.26
C GLY B 41 4.58 -5.09 -17.72
N ILE B 42 4.18 -4.15 -18.55
CA ILE B 42 3.21 -3.13 -18.12
C ILE B 42 1.83 -3.76 -18.16
N TYR B 43 1.18 -3.74 -17.00
CA TYR B 43 -0.14 -4.30 -16.88
C TYR B 43 -1.22 -3.32 -17.36
N PHE B 44 -2.04 -3.77 -18.37
CA PHE B 44 -3.15 -2.98 -18.88
C PHE B 44 -4.27 -3.96 -19.11
N GLU B 45 -5.39 -3.72 -18.52
CA GLU B 45 -6.57 -4.55 -18.59
C GLU B 45 -7.71 -3.66 -19.10
N PRO B 46 -8.12 -3.83 -20.35
CA PRO B 46 -9.22 -3.02 -20.94
C PRO B 46 -10.48 -3.01 -20.08
N ASP B 47 -10.78 -4.07 -19.33
CA ASP B 47 -12.00 -4.09 -18.57
C ASP B 47 -11.90 -3.59 -17.11
N CYS B 48 -10.77 -3.00 -16.76
CA CYS B 48 -10.61 -2.44 -15.41
C CYS B 48 -11.53 -1.29 -15.15
N SER B 49 -11.97 -1.14 -13.90
CA SER B 49 -12.79 -0.03 -13.47
C SER B 49 -11.93 1.05 -12.78
N SER B 50 -12.23 2.33 -13.01
CA SER B 50 -11.54 3.41 -12.30
C SER B 50 -12.33 3.80 -11.08
N GLU B 51 -13.45 3.13 -10.79
CA GLU B 51 -14.32 3.46 -9.65
C GLU B 51 -14.50 2.38 -8.67
N ASP B 52 -14.35 1.15 -9.10
CA ASP B 52 -14.57 0.02 -8.21
C ASP B 52 -13.25 -0.58 -7.87
N MET B 53 -12.57 -0.08 -6.86
CA MET B 53 -11.30 -0.66 -6.40
C MET B 53 -11.58 -1.55 -5.24
N ASP B 54 -10.81 -2.65 -5.13
CA ASP B 54 -11.04 -3.60 -4.08
C ASP B 54 -9.76 -4.07 -3.36
N HIS B 55 -8.61 -3.56 -3.74
CA HIS B 55 -7.34 -4.10 -3.20
C HIS B 55 -6.38 -2.98 -2.96
N GLY B 56 -5.82 -2.91 -1.74
CA GLY B 56 -4.86 -1.88 -1.43
C GLY B 56 -3.47 -2.33 -1.79
N VAL B 57 -2.68 -1.44 -2.38
CA VAL B 57 -1.28 -1.73 -2.77
C VAL B 57 -0.47 -0.47 -2.52
N LEU B 58 0.81 -0.47 -2.90
CA LEU B 58 1.71 0.66 -2.57
C LEU B 58 2.46 1.13 -3.81
N VAL B 59 2.28 2.41 -4.15
CA VAL B 59 3.04 2.94 -5.30
C VAL B 59 4.39 3.36 -4.76
N VAL B 60 5.49 2.75 -5.28
CA VAL B 60 6.80 3.11 -4.80
C VAL B 60 7.59 3.94 -5.88
N GLY B 61 6.97 4.26 -7.00
CA GLY B 61 7.72 5.01 -8.02
C GLY B 61 6.90 4.98 -9.28
N TYR B 62 7.56 5.43 -10.39
CA TYR B 62 6.93 5.41 -11.69
C TYR B 62 8.08 5.53 -12.74
N GLY B 63 7.78 5.24 -13.99
CA GLY B 63 8.83 5.35 -15.01
C GLY B 63 8.20 5.08 -16.35
N PHE B 64 9.06 4.68 -17.32
CA PHE B 64 8.56 4.38 -18.67
C PHE B 64 9.48 3.34 -19.35
N GLU B 65 8.95 2.55 -20.31
CA GLU B 65 9.73 1.56 -21.06
C GLU B 65 10.11 2.25 -22.40
N SER B 66 11.36 2.66 -22.55
CA SER B 66 11.72 3.41 -23.78
C SER B 66 11.62 2.52 -25.05
N THR B 67 11.70 1.17 -24.96
CA THR B 67 11.58 0.35 -26.18
C THR B 67 10.13 0.08 -26.60
N GLU B 68 9.14 0.65 -25.90
CA GLU B 68 7.73 0.51 -26.28
C GLU B 68 7.37 1.85 -26.95
N SER B 69 6.74 1.81 -28.12
CA SER B 69 6.50 3.04 -28.87
C SER B 69 5.38 3.99 -28.41
N ASP B 70 4.41 3.52 -27.63
CA ASP B 70 3.35 4.38 -27.05
C ASP B 70 2.76 3.64 -25.87
N ASN B 71 1.88 4.29 -25.05
CA ASN B 71 1.36 3.57 -23.89
C ASN B 71 2.58 3.00 -23.16
N ASN B 72 3.62 3.80 -22.91
CA ASN B 72 4.79 3.16 -22.30
C ASN B 72 5.12 3.59 -20.85
N LYS B 73 4.24 4.35 -20.24
CA LYS B 73 4.49 4.78 -18.86
C LYS B 73 3.84 3.81 -17.83
N TYR B 74 4.43 3.73 -16.66
CA TYR B 74 3.86 2.86 -15.62
C TYR B 74 4.14 3.38 -14.24
N TRP B 75 3.31 2.90 -13.32
CA TRP B 75 3.47 3.10 -11.86
C TRP B 75 4.20 1.84 -11.34
N LEU B 76 5.16 1.96 -10.47
CA LEU B 76 5.84 0.80 -9.87
CA LEU B 76 5.78 0.78 -9.95
C LEU B 76 5.01 0.46 -8.60
N VAL B 77 4.38 -0.70 -8.56
CA VAL B 77 3.49 -1.03 -7.45
C VAL B 77 3.93 -2.27 -6.73
N LYS B 78 4.03 -2.14 -5.42
CA LYS B 78 4.36 -3.26 -4.51
C LYS B 78 3.04 -3.90 -4.09
N ASN B 79 2.91 -5.21 -4.34
CA ASN B 79 1.73 -5.96 -3.92
C ASN B 79 2.09 -6.77 -2.65
N SER B 80 1.07 -7.45 -2.10
CA SER B 80 1.27 -8.22 -0.87
C SER B 80 0.83 -9.68 -1.07
N TRP B 81 1.13 -10.24 -2.26
CA TRP B 81 0.81 -11.67 -2.51
C TRP B 81 2.14 -12.45 -2.58
N GLY B 82 3.17 -11.99 -1.88
CA GLY B 82 4.46 -12.69 -1.90
C GLY B 82 5.29 -12.41 -3.13
N GLU B 83 6.54 -12.87 -3.05
CA GLU B 83 7.51 -12.66 -4.11
C GLU B 83 7.24 -13.58 -5.30
N GLU B 84 6.43 -14.60 -5.15
CA GLU B 84 6.27 -15.46 -6.33
C GLU B 84 5.29 -14.90 -7.36
N TRP B 85 4.51 -13.88 -7.00
CA TRP B 85 3.55 -13.27 -7.92
C TRP B 85 4.19 -12.12 -8.67
N GLY B 86 3.86 -11.88 -9.94
CA GLY B 86 4.41 -10.72 -10.60
C GLY B 86 5.94 -10.71 -10.73
N MET B 87 6.50 -9.55 -10.67
CA MET B 87 7.96 -9.35 -10.80
C MET B 87 8.54 -9.28 -9.41
N GLY B 88 8.80 -10.44 -8.81
CA GLY B 88 9.32 -10.45 -7.45
C GLY B 88 8.30 -9.81 -6.50
N GLY B 89 6.98 -9.86 -6.85
CA GLY B 89 5.96 -9.26 -5.94
C GLY B 89 5.49 -7.90 -6.37
N TYR B 90 6.12 -7.35 -7.41
CA TYR B 90 5.78 -6.02 -7.93
C TYR B 90 5.05 -6.11 -9.27
N VAL B 91 4.33 -5.05 -9.59
CA VAL B 91 3.65 -4.96 -10.89
C VAL B 91 3.85 -3.58 -11.43
N LYS B 92 4.03 -3.47 -12.77
CA LYS B 92 4.11 -2.17 -13.44
C LYS B 92 2.72 -1.87 -13.92
N MET B 93 1.99 -0.94 -13.29
CA MET B 93 0.62 -0.62 -13.66
CA MET B 93 0.64 -0.78 -13.80
C MET B 93 0.58 0.50 -14.71
N ALA B 94 -0.22 0.33 -15.76
CA ALA B 94 -0.28 1.39 -16.81
C ALA B 94 -0.52 2.78 -16.15
N LYS B 95 0.26 3.77 -16.57
CA LYS B 95 0.17 5.13 -16.04
C LYS B 95 -0.26 6.08 -17.17
N ASP B 96 -1.07 7.07 -16.81
CA ASP B 96 -1.56 8.12 -17.73
C ASP B 96 -2.37 7.48 -18.81
N ARG B 97 -3.15 6.39 -18.48
CA ARG B 97 -4.14 5.80 -19.36
C ARG B 97 -5.47 5.87 -18.71
N ARG B 98 -5.93 7.09 -18.50
CA ARG B 98 -7.25 7.36 -17.96
C ARG B 98 -7.49 6.69 -16.56
N ASN B 99 -6.53 6.90 -15.67
CA ASN B 99 -6.65 6.43 -14.27
C ASN B 99 -6.92 4.90 -14.29
N HIS B 100 -6.07 4.16 -14.95
CA HIS B 100 -6.31 2.73 -15.15
C HIS B 100 -6.42 1.96 -13.83
N CYS B 101 -7.49 1.20 -13.68
CA CYS B 101 -7.80 0.38 -12.48
C CYS B 101 -8.02 1.24 -11.29
N GLY B 102 -8.22 2.58 -11.44
CA GLY B 102 -8.52 3.44 -10.28
C GLY B 102 -7.32 3.74 -9.41
N ILE B 103 -6.13 3.61 -9.95
CA ILE B 103 -4.94 3.79 -9.12
C ILE B 103 -4.87 5.14 -8.46
N ALA B 104 -5.43 6.21 -9.07
CA ALA B 104 -5.40 7.50 -8.40
C ALA B 104 -6.71 7.80 -7.67
N SER B 105 -7.68 6.89 -7.62
CA SER B 105 -8.98 7.21 -6.99
C SER B 105 -9.04 7.20 -5.48
N ALA B 106 -8.08 6.52 -4.79
CA ALA B 106 -8.12 6.48 -3.32
C ALA B 106 -6.68 6.43 -2.81
N ALA B 107 -5.94 7.51 -3.14
CA ALA B 107 -4.54 7.59 -2.77
C ALA B 107 -4.34 8.43 -1.54
N SER B 108 -3.48 7.96 -0.58
CA SER B 108 -3.21 8.73 0.62
C SER B 108 -1.92 8.27 1.25
N TYR B 109 -1.46 9.03 2.25
CA TYR B 109 -0.22 8.62 2.96
C TYR B 109 -0.36 9.15 4.38
N PRO B 110 0.34 8.51 5.34
CA PRO B 110 0.21 8.98 6.73
C PRO B 110 1.14 10.19 7.06
N THR B 111 0.70 10.98 8.04
CA THR B 111 1.52 12.10 8.53
C THR B 111 2.33 11.54 9.71
N VAL B 112 3.60 11.89 9.82
CA VAL B 112 4.46 11.34 10.89
C VAL B 112 5.24 12.45 11.54
#